data_8EGQ
#
_entry.id   8EGQ
#
_cell.length_a   111.267
_cell.length_b   111.267
_cell.length_c   140.111
_cell.angle_alpha   90.000
_cell.angle_beta   90.000
_cell.angle_gamma   120.000
#
_symmetry.space_group_name_H-M   'P 64 2 2'
#
loop_
_entity.id
_entity.type
_entity.pdbx_description
1 polymer '[3-methyl-2-oxobutanoate dehydrogenase [lipoamide]] kinase, mitochondrial'
2 non-polymer "ADENOSINE-5'-DIPHOSPHATE"
3 non-polymer "(2S)-2-ethyl-4-{[(2'M)-2'-(1H-tetrazol-5-yl)[1,1'-biphenyl]-4-yl]methyl}-3,4-dihydro-2H-pyrido[3,2-b][1,4]oxazine"
4 non-polymer 'SULFATE ION'
5 water water
#
_entity_poly.entity_id   1
_entity_poly.type   'polypeptide(L)'
_entity_poly.pdbx_seq_one_letter_code
;STSATDTHHVELARERSKTVTSFYNQSAIDVVAEKPSVRLTPTMMLYSGRSQDGSHLLKSGRYLQQELPVRIAHRIKGFR
SLPFIIGCNPTILHVHELYIRAFQKLTDFPPIKDQADEAQYCQLVRQLLDDHKDVVTLLAEGLRESRKHIEDEKLVRYFL
DKTLTSRLGIRMLATHHLALHEDKPDFVGIICTRLSPKKIIEKWVDFARRLCEHKYGNAPRVRINGHVAARFPFIPMPLD
YILPELLKNAMRATMESHLDTPYNVPDVVITIANNDVDLIIRISDRGGGIAHKDLDRVMDYHFTTAEASTQDPRISPLFG
HLDMHSGGQSGPMHGFGFGLPTSRAYAEYLGGSLQLQSLQGIGTDVYLRLRHIDGREESFRIHHHHHH
;
_entity_poly.pdbx_strand_id   A
#
# COMPACT_ATOMS: atom_id res chain seq x y z
N GLN A 26 -28.87 0.92 -6.60
CA GLN A 26 -29.18 -0.31 -7.31
C GLN A 26 -29.26 -1.50 -6.36
N SER A 27 -30.24 -2.38 -6.59
CA SER A 27 -30.43 -3.53 -5.72
C SER A 27 -29.36 -4.61 -5.93
N ALA A 28 -28.71 -4.66 -7.12
CA ALA A 28 -27.65 -5.66 -7.34
C ALA A 28 -26.50 -5.42 -6.37
N ILE A 29 -26.16 -4.13 -6.11
CA ILE A 29 -25.12 -3.74 -5.16
C ILE A 29 -25.54 -4.15 -3.74
N ASP A 30 -26.81 -3.92 -3.40
CA ASP A 30 -27.37 -4.32 -2.10
C ASP A 30 -27.18 -5.81 -1.82
N VAL A 31 -27.35 -6.67 -2.84
CA VAL A 31 -27.22 -8.11 -2.71
C VAL A 31 -25.85 -8.55 -2.14
N VAL A 32 -24.76 -7.94 -2.60
CA VAL A 32 -23.43 -8.34 -2.14
C VAL A 32 -22.72 -7.35 -1.20
N ALA A 33 -23.35 -6.22 -0.84
CA ALA A 33 -22.71 -5.20 0.00
C ALA A 33 -22.32 -5.72 1.38
N GLU A 34 -23.10 -6.69 1.91
CA GLU A 34 -22.84 -7.27 3.23
C GLU A 34 -22.22 -8.66 3.17
N LYS A 35 -21.96 -9.20 1.96
CA LYS A 35 -21.36 -10.50 1.75
C LYS A 35 -19.88 -10.52 2.16
N PRO A 36 -19.50 -11.43 3.07
CA PRO A 36 -18.09 -11.48 3.50
C PRO A 36 -17.13 -11.75 2.35
N SER A 37 -15.99 -11.09 2.35
CA SER A 37 -14.96 -11.31 1.34
C SER A 37 -14.41 -12.72 1.47
N VAL A 38 -13.99 -13.29 0.33
CA VAL A 38 -13.38 -14.62 0.25
C VAL A 38 -11.98 -14.37 -0.20
N ARG A 39 -11.02 -14.70 0.67
CA ARG A 39 -9.61 -14.50 0.35
C ARG A 39 -8.87 -15.79 0.31
N LEU A 40 -7.96 -15.94 -0.66
CA LEU A 40 -7.08 -17.11 -0.67
C LEU A 40 -5.90 -16.79 0.27
N THR A 41 -5.32 -17.81 0.89
CA THR A 41 -4.18 -17.63 1.78
C THR A 41 -2.94 -17.52 0.88
N PRO A 42 -2.01 -16.57 1.10
CA PRO A 42 -0.79 -16.52 0.27
C PRO A 42 -0.06 -17.86 0.14
N THR A 43 -0.14 -18.73 1.19
CA THR A 43 0.45 -20.06 1.21
C THR A 43 -0.24 -20.95 0.17
N MET A 44 -1.61 -20.97 0.16
CA MET A 44 -2.42 -21.72 -0.80
C MET A 44 -2.16 -21.24 -2.22
N MET A 45 -1.90 -19.94 -2.41
CA MET A 45 -1.62 -19.39 -3.74
C MET A 45 -0.27 -19.87 -4.31
N LEU A 46 0.68 -20.16 -3.41
CA LEU A 46 1.99 -20.72 -3.74
C LEU A 46 1.91 -22.24 -3.97
N TYR A 47 0.99 -22.92 -3.25
CA TYR A 47 0.68 -24.35 -3.31
C TYR A 47 0.23 -24.65 -4.75
N SER A 48 -0.68 -23.82 -5.30
CA SER A 48 -1.17 -23.98 -6.67
C SER A 48 -0.12 -23.45 -7.66
N GLY A 49 0.89 -24.27 -7.94
CA GLY A 49 1.98 -23.92 -8.85
C GLY A 49 2.22 -24.99 -9.90
N ASP A 53 -0.88 -24.19 -15.42
CA ASP A 53 -2.04 -25.00 -15.00
C ASP A 53 -3.36 -24.39 -15.49
N GLY A 54 -3.72 -24.65 -16.74
CA GLY A 54 -4.95 -24.13 -17.34
C GLY A 54 -6.23 -24.51 -16.63
N SER A 55 -6.28 -25.76 -16.12
CA SER A 55 -7.43 -26.27 -15.37
C SER A 55 -7.58 -25.55 -14.00
N HIS A 56 -6.46 -25.06 -13.43
CA HIS A 56 -6.43 -24.33 -12.17
C HIS A 56 -6.62 -22.81 -12.38
N LEU A 57 -6.18 -22.29 -13.54
CA LEU A 57 -6.34 -20.89 -13.95
C LEU A 57 -7.81 -20.58 -14.22
N LEU A 58 -8.55 -21.55 -14.77
CA LEU A 58 -9.96 -21.44 -15.05
C LEU A 58 -10.74 -21.35 -13.73
N LYS A 59 -10.36 -22.16 -12.74
CA LYS A 59 -10.96 -22.18 -11.41
C LYS A 59 -10.78 -20.81 -10.73
N SER A 60 -9.56 -20.24 -10.82
CA SER A 60 -9.20 -18.95 -10.21
C SER A 60 -9.73 -17.73 -10.98
N GLY A 61 -10.00 -17.90 -12.27
CA GLY A 61 -10.57 -16.84 -13.10
C GLY A 61 -12.03 -16.62 -12.77
N ARG A 62 -12.76 -17.74 -12.54
CA ARG A 62 -14.17 -17.69 -12.14
C ARG A 62 -14.23 -17.05 -10.75
N TYR A 63 -13.26 -17.40 -9.87
CA TYR A 63 -13.18 -16.89 -8.51
C TYR A 63 -13.03 -15.36 -8.57
N LEU A 64 -12.13 -14.85 -9.41
CA LEU A 64 -11.91 -13.42 -9.57
C LEU A 64 -13.19 -12.71 -9.99
N GLN A 65 -13.89 -13.30 -10.94
CA GLN A 65 -15.12 -12.79 -11.52
C GLN A 65 -16.23 -12.61 -10.50
N GLN A 66 -16.30 -13.53 -9.54
CA GLN A 66 -17.28 -13.55 -8.48
C GLN A 66 -16.88 -12.70 -7.29
N GLU A 67 -15.57 -12.60 -7.02
CA GLU A 67 -15.04 -11.88 -5.89
C GLU A 67 -14.92 -10.39 -6.11
N LEU A 68 -14.44 -9.96 -7.29
CA LEU A 68 -14.23 -8.54 -7.62
C LEU A 68 -15.47 -7.65 -7.41
N PRO A 69 -16.68 -8.01 -7.90
CA PRO A 69 -17.86 -7.16 -7.61
C PRO A 69 -18.14 -7.06 -6.12
N VAL A 70 -17.81 -8.08 -5.30
CA VAL A 70 -18.04 -8.03 -3.85
C VAL A 70 -17.13 -6.98 -3.20
N ARG A 71 -15.87 -6.90 -3.65
CA ARG A 71 -14.93 -5.90 -3.13
C ARG A 71 -15.42 -4.51 -3.52
N ILE A 72 -15.91 -4.35 -4.75
CA ILE A 72 -16.41 -3.06 -5.24
C ILE A 72 -17.67 -2.66 -4.50
N ALA A 73 -18.58 -3.62 -4.22
CA ALA A 73 -19.77 -3.32 -3.42
C ALA A 73 -19.38 -2.88 -2.01
N HIS A 74 -18.29 -3.45 -1.46
CA HIS A 74 -17.82 -3.05 -0.13
C HIS A 74 -17.33 -1.59 -0.15
N ARG A 75 -16.75 -1.12 -1.29
CA ARG A 75 -16.31 0.26 -1.41
C ARG A 75 -17.52 1.15 -1.53
N ILE A 76 -18.52 0.76 -2.35
CA ILE A 76 -19.75 1.53 -2.49
C ILE A 76 -20.46 1.69 -1.13
N LYS A 77 -20.44 0.63 -0.31
CA LYS A 77 -21.03 0.66 1.02
C LYS A 77 -20.37 1.75 1.89
N GLY A 78 -19.06 1.91 1.77
CA GLY A 78 -18.27 2.91 2.48
C GLY A 78 -18.71 4.33 2.16
N PHE A 79 -18.98 4.61 0.87
CA PHE A 79 -19.45 5.89 0.35
C PHE A 79 -20.91 6.15 0.77
N ARG A 80 -21.73 5.07 0.82
CA ARG A 80 -23.13 5.13 1.27
C ARG A 80 -23.21 5.43 2.76
N SER A 81 -22.22 4.97 3.56
CA SER A 81 -22.15 5.13 5.03
C SER A 81 -21.50 6.43 5.49
N LEU A 82 -20.81 7.16 4.59
CA LEU A 82 -20.15 8.44 4.92
C LEU A 82 -21.22 9.41 5.40
N PRO A 83 -20.93 10.35 6.33
CA PRO A 83 -21.96 11.37 6.66
C PRO A 83 -22.44 12.06 5.36
N PHE A 84 -23.72 12.30 5.23
CA PHE A 84 -24.31 12.93 4.05
C PHE A 84 -23.53 14.15 3.51
N ILE A 85 -23.10 15.05 4.40
CA ILE A 85 -22.41 16.25 3.99
C ILE A 85 -21.04 15.94 3.37
N ILE A 86 -20.40 14.81 3.77
CA ILE A 86 -19.12 14.42 3.19
C ILE A 86 -19.36 13.67 1.88
N GLY A 87 -20.32 12.75 1.88
CA GLY A 87 -20.67 11.99 0.69
C GLY A 87 -21.19 12.85 -0.44
N CYS A 88 -21.69 14.07 -0.12
CA CYS A 88 -22.22 15.03 -1.09
C CYS A 88 -21.17 15.87 -1.79
N ASN A 89 -19.90 15.81 -1.35
CA ASN A 89 -18.81 16.54 -2.00
C ASN A 89 -18.71 16.08 -3.46
N PRO A 90 -18.68 17.00 -4.44
CA PRO A 90 -18.67 16.57 -5.85
C PRO A 90 -17.57 15.57 -6.22
N THR A 91 -16.42 15.68 -5.58
CA THR A 91 -15.27 14.83 -5.86
C THR A 91 -15.47 13.43 -5.25
N ILE A 92 -15.97 13.39 -4.02
CA ILE A 92 -16.28 12.14 -3.33
C ILE A 92 -17.41 11.43 -4.04
N LEU A 93 -18.43 12.18 -4.45
CA LEU A 93 -19.57 11.67 -5.17
C LEU A 93 -19.15 11.12 -6.52
N HIS A 94 -18.22 11.79 -7.21
CA HIS A 94 -17.72 11.31 -8.50
C HIS A 94 -17.01 9.95 -8.34
N VAL A 95 -16.20 9.78 -7.28
CA VAL A 95 -15.53 8.51 -7.04
C VAL A 95 -16.58 7.40 -6.76
N HIS A 96 -17.62 7.73 -5.97
CA HIS A 96 -18.75 6.84 -5.67
C HIS A 96 -19.39 6.40 -7.01
N GLU A 97 -19.61 7.36 -7.92
CA GLU A 97 -20.17 7.08 -9.24
C GLU A 97 -19.27 6.17 -10.07
N LEU A 98 -17.94 6.37 -10.02
CA LEU A 98 -16.95 5.54 -10.73
C LEU A 98 -17.04 4.08 -10.30
N TYR A 99 -17.12 3.83 -8.96
CA TYR A 99 -17.31 2.47 -8.44
C TYR A 99 -18.63 1.84 -8.93
N ILE A 100 -19.76 2.59 -8.94
CA ILE A 100 -21.06 2.08 -9.40
C ILE A 100 -20.97 1.68 -10.87
N ARG A 101 -20.31 2.53 -11.68
CA ARG A 101 -20.10 2.27 -13.10
C ARG A 101 -19.26 0.99 -13.29
N ALA A 102 -18.14 0.85 -12.54
CA ALA A 102 -17.27 -0.34 -12.61
C ALA A 102 -17.99 -1.63 -12.18
N PHE A 103 -18.84 -1.56 -11.13
CA PHE A 103 -19.61 -2.72 -10.66
C PHE A 103 -20.52 -3.22 -11.78
N GLN A 104 -21.15 -2.30 -12.53
CA GLN A 104 -22.05 -2.67 -13.62
C GLN A 104 -21.29 -3.43 -14.69
N LYS A 105 -20.07 -2.99 -15.02
CA LYS A 105 -19.26 -3.67 -16.01
C LYS A 105 -18.81 -5.07 -15.57
N LEU A 106 -18.33 -5.22 -14.33
CA LEU A 106 -17.90 -6.54 -13.84
C LEU A 106 -19.05 -7.55 -13.76
N THR A 107 -20.23 -7.12 -13.28
CA THR A 107 -21.39 -7.99 -13.22
C THR A 107 -22.01 -8.24 -14.59
N ASP A 108 -21.88 -7.27 -15.52
CA ASP A 108 -22.42 -7.40 -16.88
C ASP A 108 -21.65 -8.45 -17.68
N PHE A 109 -20.35 -8.65 -17.38
CA PHE A 109 -19.54 -9.65 -18.09
C PHE A 109 -20.12 -11.04 -17.86
N PRO A 110 -20.39 -11.79 -18.94
CA PRO A 110 -21.00 -13.12 -18.76
C PRO A 110 -20.07 -14.12 -18.07
N PRO A 111 -20.62 -15.20 -17.47
CA PRO A 111 -19.75 -16.16 -16.76
C PRO A 111 -18.65 -16.79 -17.61
N ILE A 112 -17.54 -17.17 -16.96
CA ILE A 112 -16.39 -17.79 -17.60
C ILE A 112 -16.57 -19.31 -17.69
N LYS A 113 -16.63 -19.85 -18.91
CA LYS A 113 -16.81 -21.29 -19.11
C LYS A 113 -15.53 -21.99 -19.51
N ASP A 114 -14.68 -21.31 -20.27
CA ASP A 114 -13.41 -21.86 -20.74
C ASP A 114 -12.25 -20.84 -20.61
N GLN A 115 -11.04 -21.19 -21.10
CA GLN A 115 -9.88 -20.30 -21.04
C GLN A 115 -9.99 -19.06 -21.93
N ALA A 116 -10.81 -19.11 -22.97
CA ALA A 116 -11.03 -17.97 -23.86
C ALA A 116 -11.87 -16.90 -23.16
N ASP A 117 -12.80 -17.31 -22.27
CA ASP A 117 -13.60 -16.35 -21.52
C ASP A 117 -12.74 -15.76 -20.41
N GLU A 118 -11.98 -16.63 -19.72
CA GLU A 118 -11.04 -16.31 -18.65
C GLU A 118 -10.03 -15.27 -19.09
N ALA A 119 -9.64 -15.28 -20.36
CA ALA A 119 -8.68 -14.32 -20.87
C ALA A 119 -9.32 -12.98 -21.28
N GLN A 120 -10.59 -12.98 -21.70
CA GLN A 120 -11.28 -11.72 -22.06
C GLN A 120 -11.66 -10.90 -20.80
N TYR A 121 -11.89 -11.59 -19.68
CA TYR A 121 -12.24 -10.96 -18.42
C TYR A 121 -10.97 -10.33 -17.81
N CYS A 122 -9.79 -10.97 -17.96
CA CYS A 122 -8.49 -10.43 -17.53
C CYS A 122 -8.26 -9.05 -18.16
N GLN A 123 -8.61 -8.90 -19.43
CA GLN A 123 -8.44 -7.68 -20.21
C GLN A 123 -9.31 -6.56 -19.69
N LEU A 124 -10.54 -6.89 -19.28
CA LEU A 124 -11.49 -5.92 -18.73
C LEU A 124 -10.95 -5.46 -17.36
N VAL A 125 -10.51 -6.40 -16.53
CA VAL A 125 -9.95 -6.14 -15.21
C VAL A 125 -8.69 -5.29 -15.28
N ARG A 126 -7.82 -5.55 -16.25
CA ARG A 126 -6.61 -4.77 -16.48
C ARG A 126 -6.98 -3.34 -16.83
N GLN A 127 -7.96 -3.15 -17.71
CA GLN A 127 -8.45 -1.85 -18.15
C GLN A 127 -9.03 -1.02 -17.00
N LEU A 128 -9.92 -1.62 -16.19
CA LEU A 128 -10.53 -0.91 -15.07
C LEU A 128 -9.51 -0.58 -13.95
N LEU A 129 -8.51 -1.45 -13.72
CA LEU A 129 -7.46 -1.16 -12.71
C LEU A 129 -6.69 0.09 -13.15
N ASP A 130 -6.35 0.17 -14.45
CA ASP A 130 -5.58 1.27 -15.03
C ASP A 130 -6.33 2.60 -15.08
N ASP A 131 -7.62 2.58 -15.42
CA ASP A 131 -8.44 3.79 -15.47
C ASP A 131 -8.69 4.41 -14.07
N HIS A 132 -8.50 3.64 -12.99
CA HIS A 132 -8.80 4.15 -11.64
C HIS A 132 -7.63 4.11 -10.66
N LYS A 133 -6.37 4.00 -11.16
CA LYS A 133 -5.15 4.02 -10.34
C LYS A 133 -5.01 5.29 -9.51
N ASP A 134 -5.56 6.39 -9.99
CA ASP A 134 -5.50 7.76 -9.49
C ASP A 134 -6.59 8.16 -8.53
N VAL A 135 -7.48 7.23 -8.14
CA VAL A 135 -8.62 7.58 -7.30
C VAL A 135 -8.21 8.05 -5.89
N VAL A 136 -7.14 7.50 -5.28
CA VAL A 136 -6.71 7.95 -3.93
C VAL A 136 -6.46 9.47 -3.88
N THR A 137 -5.82 10.00 -4.92
CA THR A 137 -5.56 11.43 -5.06
C THR A 137 -6.86 12.21 -5.05
N LEU A 138 -7.89 11.74 -5.76
CA LEU A 138 -9.19 12.40 -5.78
C LEU A 138 -9.88 12.34 -4.43
N LEU A 139 -9.87 11.17 -3.76
CA LEU A 139 -10.50 11.05 -2.44
C LEU A 139 -9.84 11.98 -1.43
N ALA A 140 -8.49 12.05 -1.42
CA ALA A 140 -7.72 12.92 -0.54
C ALA A 140 -8.13 14.38 -0.74
N GLU A 141 -8.37 14.77 -2.00
CA GLU A 141 -8.82 16.10 -2.34
C GLU A 141 -10.21 16.37 -1.76
N GLY A 142 -11.17 15.48 -2.04
CA GLY A 142 -12.54 15.59 -1.56
C GLY A 142 -12.62 15.68 -0.05
N LEU A 143 -11.83 14.86 0.65
CA LEU A 143 -11.79 14.85 2.11
C LEU A 143 -11.13 16.11 2.68
N ARG A 144 -10.17 16.71 1.94
CA ARG A 144 -9.52 17.95 2.34
C ARG A 144 -10.55 19.06 2.30
N GLU A 145 -11.31 19.15 1.18
CA GLU A 145 -12.36 20.14 0.98
C GLU A 145 -13.50 20.04 1.99
N SER A 146 -13.73 18.83 2.53
CA SER A 146 -14.80 18.59 3.51
C SER A 146 -14.35 18.71 4.96
N ARG A 147 -13.07 19.12 5.23
CA ARG A 147 -12.46 19.18 6.56
C ARG A 147 -13.24 20.02 7.61
N LYS A 148 -13.93 21.10 7.19
CA LYS A 148 -14.69 21.95 8.11
C LYS A 148 -15.90 21.23 8.72
N HIS A 149 -16.50 20.32 7.95
CA HIS A 149 -17.65 19.54 8.39
C HIS A 149 -17.30 18.22 9.08
N ILE A 150 -16.00 17.93 9.23
CA ILE A 150 -15.57 16.70 9.88
C ILE A 150 -15.31 16.97 11.36
N GLU A 151 -16.32 16.69 12.19
CA GLU A 151 -16.20 16.91 13.64
C GLU A 151 -15.46 15.76 14.34
N ASP A 152 -15.52 14.53 13.75
CA ASP A 152 -14.84 13.36 14.30
C ASP A 152 -13.46 13.18 13.65
N GLU A 153 -12.40 13.27 14.47
CA GLU A 153 -11.02 13.13 14.00
C GLU A 153 -10.77 11.71 13.45
N LYS A 154 -11.32 10.70 14.15
CA LYS A 154 -11.14 9.32 13.78
C LYS A 154 -11.84 8.94 12.48
N LEU A 155 -12.94 9.63 12.11
CA LEU A 155 -13.71 9.33 10.90
C LEU A 155 -12.89 9.32 9.62
N VAL A 156 -12.08 10.36 9.37
CA VAL A 156 -11.23 10.40 8.17
C VAL A 156 -10.18 9.31 8.21
N ARG A 157 -9.54 9.12 9.36
CA ARG A 157 -8.52 8.10 9.52
C ARG A 157 -9.07 6.70 9.24
N TYR A 158 -10.24 6.37 9.81
CA TYR A 158 -10.85 5.06 9.62
C TYR A 158 -11.30 4.86 8.18
N PHE A 159 -11.85 5.89 7.55
CA PHE A 159 -12.30 5.81 6.16
C PHE A 159 -11.09 5.57 5.24
N LEU A 160 -10.03 6.36 5.41
CA LEU A 160 -8.84 6.24 4.59
C LEU A 160 -8.07 4.96 4.86
N ASP A 161 -8.02 4.48 6.10
CA ASP A 161 -7.35 3.20 6.41
C ASP A 161 -8.04 2.07 5.63
N LYS A 162 -9.40 2.03 5.72
CA LYS A 162 -10.22 1.05 5.02
C LYS A 162 -10.08 1.22 3.52
N THR A 163 -10.15 2.44 3.00
CA THR A 163 -9.98 2.71 1.57
C THR A 163 -8.60 2.16 1.05
N LEU A 164 -7.50 2.52 1.71
CA LEU A 164 -6.17 2.12 1.25
C LEU A 164 -5.90 0.62 1.35
N THR A 165 -6.36 -0.03 2.44
CA THR A 165 -6.16 -1.47 2.59
C THR A 165 -7.07 -2.26 1.65
N SER A 166 -8.33 -1.82 1.45
CA SER A 166 -9.23 -2.50 0.52
C SER A 166 -8.76 -2.33 -0.92
N ARG A 167 -8.25 -1.14 -1.28
CA ARG A 167 -7.71 -0.89 -2.62
C ARG A 167 -6.45 -1.71 -2.88
N LEU A 168 -5.64 -1.92 -1.84
CA LEU A 168 -4.48 -2.81 -1.95
C LEU A 168 -4.98 -4.26 -2.10
N GLY A 169 -6.04 -4.62 -1.37
CA GLY A 169 -6.67 -5.93 -1.47
C GLY A 169 -7.16 -6.22 -2.87
N ILE A 170 -7.84 -5.25 -3.50
CA ILE A 170 -8.34 -5.31 -4.87
C ILE A 170 -7.14 -5.45 -5.82
N ARG A 171 -6.12 -4.60 -5.64
CA ARG A 171 -4.93 -4.64 -6.45
C ARG A 171 -4.24 -6.01 -6.39
N MET A 172 -3.95 -6.54 -5.19
CA MET A 172 -3.31 -7.84 -5.05
C MET A 172 -4.15 -8.95 -5.65
N LEU A 173 -5.47 -8.94 -5.36
CA LEU A 173 -6.43 -9.93 -5.88
C LEU A 173 -6.42 -9.99 -7.40
N ALA A 174 -6.56 -8.83 -8.06
CA ALA A 174 -6.59 -8.73 -9.51
C ALA A 174 -5.20 -8.91 -10.17
N THR A 175 -4.18 -8.19 -9.69
CA THR A 175 -2.83 -8.30 -10.27
C THR A 175 -2.28 -9.70 -10.13
N HIS A 176 -2.58 -10.41 -9.03
CA HIS A 176 -2.05 -11.77 -8.86
C HIS A 176 -2.57 -12.70 -9.93
N HIS A 177 -3.89 -12.64 -10.20
CA HIS A 177 -4.53 -13.49 -11.20
C HIS A 177 -3.98 -13.20 -12.60
N LEU A 178 -3.81 -11.92 -12.96
CA LEU A 178 -3.25 -11.49 -14.25
C LEU A 178 -1.81 -12.03 -14.41
N ALA A 179 -1.03 -11.99 -13.32
CA ALA A 179 0.35 -12.42 -13.33
C ALA A 179 0.54 -13.94 -13.32
N LEU A 180 -0.51 -14.71 -12.96
CA LEU A 180 -0.42 -16.19 -12.97
C LEU A 180 -0.23 -16.74 -14.41
N HIS A 181 -0.73 -16.01 -15.40
CA HIS A 181 -0.61 -16.38 -16.79
C HIS A 181 0.80 -16.13 -17.34
N GLU A 182 1.59 -15.24 -16.69
CA GLU A 182 2.92 -14.88 -17.15
C GLU A 182 4.01 -15.74 -16.52
N ASP A 183 5.11 -15.93 -17.23
CA ASP A 183 6.18 -16.79 -16.78
C ASP A 183 7.38 -15.94 -16.39
N LYS A 184 7.33 -15.39 -15.18
CA LYS A 184 8.38 -14.54 -14.64
C LYS A 184 9.27 -15.35 -13.71
N PRO A 185 10.59 -15.20 -13.82
CA PRO A 185 11.49 -15.96 -12.92
C PRO A 185 11.32 -15.55 -11.45
N ASP A 186 11.23 -16.57 -10.58
CA ASP A 186 11.12 -16.46 -9.12
C ASP A 186 9.81 -15.84 -8.66
N PHE A 187 8.76 -16.00 -9.45
CA PHE A 187 7.44 -15.48 -9.09
C PHE A 187 6.37 -16.49 -9.42
N VAL A 188 5.33 -16.49 -8.61
CA VAL A 188 4.09 -17.24 -8.80
C VAL A 188 3.09 -16.09 -8.64
N GLY A 189 2.67 -15.51 -9.76
CA GLY A 189 1.83 -14.32 -9.76
C GLY A 189 2.60 -13.15 -9.18
N ILE A 190 2.09 -12.55 -8.08
CA ILE A 190 2.80 -11.45 -7.41
C ILE A 190 3.64 -11.91 -6.22
N ILE A 191 3.69 -13.22 -5.97
CA ILE A 191 4.45 -13.76 -4.85
C ILE A 191 5.85 -14.18 -5.29
N CYS A 192 6.87 -13.47 -4.81
CA CYS A 192 8.25 -13.81 -5.11
C CYS A 192 8.60 -15.06 -4.29
N THR A 193 9.26 -16.07 -4.87
CA THR A 193 9.56 -17.31 -4.14
C THR A 193 10.83 -17.27 -3.32
N ARG A 194 11.69 -16.29 -3.57
CA ARG A 194 12.94 -16.15 -2.84
C ARG A 194 13.28 -14.66 -2.79
N LEU A 195 12.40 -13.86 -2.18
CA LEU A 195 12.65 -12.42 -2.06
C LEU A 195 13.80 -12.12 -1.10
N SER A 196 14.75 -11.28 -1.52
CA SER A 196 15.81 -10.84 -0.64
C SER A 196 15.45 -9.46 -0.12
N PRO A 197 15.24 -9.31 1.20
CA PRO A 197 15.01 -7.96 1.75
C PRO A 197 16.15 -6.99 1.46
N LYS A 198 17.43 -7.44 1.52
CA LYS A 198 18.58 -6.58 1.23
C LYS A 198 18.48 -6.03 -0.21
N LYS A 199 18.17 -6.88 -1.20
CA LYS A 199 18.02 -6.45 -2.59
C LYS A 199 16.91 -5.41 -2.83
N ILE A 200 15.73 -5.63 -2.24
CA ILE A 200 14.63 -4.69 -2.44
C ILE A 200 14.91 -3.37 -1.71
N ILE A 201 15.54 -3.41 -0.53
CA ILE A 201 15.93 -2.21 0.18
C ILE A 201 17.00 -1.43 -0.65
N GLU A 202 17.99 -2.13 -1.22
CA GLU A 202 19.01 -1.46 -2.04
C GLU A 202 18.42 -0.81 -3.28
N LYS A 203 17.42 -1.43 -3.92
CA LYS A 203 16.77 -0.84 -5.09
C LYS A 203 16.17 0.54 -4.72
N TRP A 204 15.48 0.60 -3.59
CA TRP A 204 14.86 1.82 -3.15
C TRP A 204 15.80 2.83 -2.55
N VAL A 205 16.90 2.38 -1.94
CA VAL A 205 17.94 3.26 -1.37
C VAL A 205 18.59 4.03 -2.51
N ASP A 206 18.90 3.36 -3.62
CA ASP A 206 19.50 4.01 -4.78
C ASP A 206 18.57 5.08 -5.35
N PHE A 207 17.30 4.76 -5.47
CA PHE A 207 16.27 5.68 -5.96
C PHE A 207 16.12 6.90 -5.04
N ALA A 208 15.97 6.68 -3.73
CA ALA A 208 15.85 7.74 -2.73
C ALA A 208 17.10 8.62 -2.68
N ARG A 209 18.30 8.02 -2.72
CA ARG A 209 19.54 8.79 -2.69
C ARG A 209 19.68 9.67 -3.90
N ARG A 210 19.29 9.18 -5.08
CA ARG A 210 19.36 9.94 -6.32
C ARG A 210 18.46 11.19 -6.22
N LEU A 211 17.23 11.03 -5.71
CA LEU A 211 16.31 12.16 -5.58
C LEU A 211 16.75 13.11 -4.48
N CYS A 212 17.29 12.57 -3.38
CA CYS A 212 17.77 13.35 -2.26
C CYS A 212 18.99 14.18 -2.68
N GLU A 213 19.87 13.62 -3.52
CA GLU A 213 21.02 14.33 -4.05
C GLU A 213 20.60 15.46 -4.98
N HIS A 214 19.53 15.27 -5.76
CA HIS A 214 19.00 16.32 -6.64
C HIS A 214 18.51 17.49 -5.78
N LYS A 215 17.81 17.20 -4.68
CA LYS A 215 17.27 18.23 -3.82
C LYS A 215 18.31 18.95 -2.93
N TYR A 216 19.23 18.22 -2.29
CA TYR A 216 20.18 18.81 -1.35
C TYR A 216 21.62 18.89 -1.76
N GLY A 217 21.99 18.30 -2.89
CA GLY A 217 23.39 18.25 -3.30
C GLY A 217 24.15 17.10 -2.62
N ASN A 218 23.45 16.32 -1.77
CA ASN A 218 24.03 15.21 -1.03
C ASN A 218 22.89 14.39 -0.42
N ALA A 219 23.19 13.16 -0.07
CA ALA A 219 22.26 12.24 0.57
C ALA A 219 23.03 11.47 1.59
N PRO A 220 22.40 11.11 2.73
CA PRO A 220 23.10 10.25 3.69
C PRO A 220 23.44 8.89 3.08
N ARG A 221 24.57 8.33 3.48
CA ARG A 221 24.95 6.97 3.11
C ARG A 221 24.00 6.01 3.89
N VAL A 222 23.56 4.92 3.26
CA VAL A 222 22.71 3.95 3.90
C VAL A 222 23.48 2.67 4.14
N ARG A 223 23.63 2.27 5.42
CA ARG A 223 24.25 1.00 5.75
C ARG A 223 23.16 -0.04 6.04
N ILE A 224 23.34 -1.27 5.55
CA ILE A 224 22.40 -2.37 5.75
C ILE A 224 23.13 -3.50 6.51
N ASN A 225 22.61 -3.90 7.68
CA ASN A 225 23.24 -4.97 8.45
C ASN A 225 22.18 -5.99 8.94
N GLY A 226 22.60 -6.95 9.75
CA GLY A 226 21.73 -8.01 10.22
C GLY A 226 21.74 -9.17 9.26
N HIS A 227 20.57 -9.73 8.98
CA HIS A 227 20.40 -10.88 8.11
C HIS A 227 20.42 -10.51 6.63
N VAL A 228 21.56 -10.01 6.16
CA VAL A 228 21.73 -9.54 4.80
C VAL A 228 21.59 -10.66 3.76
N ALA A 229 21.69 -11.93 4.14
CA ALA A 229 21.54 -13.04 3.20
C ALA A 229 20.16 -13.72 3.25
N ALA A 230 19.17 -13.13 3.95
CA ALA A 230 17.84 -13.74 4.03
C ALA A 230 17.12 -13.73 2.68
N ARG A 231 16.40 -14.83 2.38
CA ARG A 231 15.58 -15.01 1.19
C ARG A 231 14.46 -15.91 1.59
N PHE A 232 13.25 -15.54 1.22
CA PHE A 232 12.06 -16.29 1.58
C PHE A 232 10.91 -15.89 0.66
N PRO A 233 9.87 -16.73 0.53
CA PRO A 233 8.69 -16.31 -0.23
C PRO A 233 8.06 -15.05 0.36
N PHE A 234 7.76 -14.06 -0.48
CA PHE A 234 7.17 -12.82 -0.01
C PHE A 234 6.51 -12.03 -1.14
N ILE A 235 5.56 -11.16 -0.83
CA ILE A 235 4.93 -10.30 -1.84
C ILE A 235 5.61 -8.93 -1.76
N PRO A 236 6.39 -8.51 -2.77
CA PRO A 236 7.09 -7.20 -2.67
C PRO A 236 6.18 -5.98 -2.78
N MET A 237 5.06 -6.06 -3.52
CA MET A 237 4.13 -4.95 -3.79
C MET A 237 3.97 -3.93 -2.62
N PRO A 238 3.60 -4.33 -1.38
CA PRO A 238 3.49 -3.33 -0.30
C PRO A 238 4.83 -2.65 0.07
N LEU A 239 5.94 -3.41 0.03
CA LEU A 239 7.29 -2.88 0.30
C LEU A 239 7.66 -1.81 -0.74
N ASP A 240 7.18 -1.94 -1.97
CA ASP A 240 7.42 -0.95 -3.00
C ASP A 240 6.77 0.39 -2.69
N TYR A 241 5.80 0.45 -1.75
CA TYR A 241 5.25 1.72 -1.28
C TYR A 241 6.00 2.12 0.01
N ILE A 242 6.04 1.23 1.01
CA ILE A 242 6.61 1.50 2.33
C ILE A 242 8.09 1.88 2.33
N LEU A 243 8.95 1.08 1.67
CA LEU A 243 10.39 1.32 1.69
C LEU A 243 10.79 2.69 1.13
N PRO A 244 10.34 3.12 -0.08
CA PRO A 244 10.75 4.46 -0.55
C PRO A 244 10.23 5.56 0.36
N GLU A 245 9.08 5.37 1.01
CA GLU A 245 8.50 6.37 1.89
C GLU A 245 9.30 6.52 3.18
N LEU A 246 9.61 5.42 3.86
CA LEU A 246 10.39 5.43 5.09
C LEU A 246 11.85 5.87 4.84
N LEU A 247 12.40 5.56 3.66
CA LEU A 247 13.75 6.02 3.30
C LEU A 247 13.75 7.51 3.06
N LYS A 248 12.72 8.02 2.37
CA LYS A 248 12.61 9.46 2.12
C LYS A 248 12.50 10.21 3.47
N ASN A 249 11.66 9.73 4.39
CA ASN A 249 11.47 10.33 5.70
C ASN A 249 12.78 10.40 6.49
N ALA A 250 13.56 9.31 6.46
CA ALA A 250 14.85 9.23 7.16
C ALA A 250 15.89 10.12 6.52
N MET A 251 15.97 10.12 5.18
CA MET A 251 16.96 10.93 4.48
C MET A 251 16.67 12.44 4.60
N ARG A 252 15.40 12.82 4.42
CA ARG A 252 14.89 14.19 4.52
C ARG A 252 15.12 14.75 5.92
N ALA A 253 14.79 14.00 6.97
CA ALA A 253 15.03 14.42 8.36
C ALA A 253 16.51 14.59 8.61
N THR A 254 17.34 13.67 8.07
CA THR A 254 18.79 13.79 8.21
C THR A 254 19.29 15.06 7.54
N MET A 255 18.85 15.34 6.31
CA MET A 255 19.30 16.57 5.62
C MET A 255 18.75 17.81 6.31
N GLU A 256 17.45 17.84 6.64
CA GLU A 256 16.85 19.00 7.32
C GLU A 256 17.49 19.36 8.65
N SER A 257 18.03 18.37 9.38
CA SER A 257 18.70 18.64 10.66
C SER A 257 20.22 18.90 10.56
N HIS A 258 20.77 18.80 9.33
CA HIS A 258 22.20 19.03 9.10
C HIS A 258 22.42 19.98 7.93
N LEU A 259 21.54 21.00 7.79
CA LEU A 259 21.69 21.98 6.71
C LEU A 259 22.92 22.86 6.85
N ASP A 260 23.49 22.95 8.08
CA ASP A 260 24.69 23.74 8.34
C ASP A 260 25.98 23.04 7.89
N THR A 261 25.94 21.70 7.75
CA THR A 261 27.03 20.86 7.27
C THR A 261 26.40 19.86 6.26
N PRO A 262 25.84 20.33 5.14
CA PRO A 262 25.09 19.43 4.25
C PRO A 262 25.87 18.33 3.55
N TYR A 263 27.20 18.47 3.46
CA TYR A 263 28.07 17.47 2.85
C TYR A 263 28.71 16.50 3.86
N ASN A 264 28.40 16.66 5.16
CA ASN A 264 28.89 15.78 6.22
C ASN A 264 27.68 15.39 7.10
N VAL A 265 26.89 14.42 6.62
CA VAL A 265 25.70 14.01 7.37
C VAL A 265 25.83 12.57 7.90
N PRO A 266 25.16 12.25 9.02
CA PRO A 266 25.25 10.88 9.54
C PRO A 266 24.54 9.84 8.66
N ASP A 267 25.01 8.60 8.70
CA ASP A 267 24.41 7.53 7.90
C ASP A 267 23.02 7.15 8.39
N VAL A 268 22.19 6.58 7.50
CA VAL A 268 20.94 5.95 7.86
C VAL A 268 21.31 4.47 8.00
N VAL A 269 20.99 3.82 9.12
CA VAL A 269 21.38 2.42 9.36
C VAL A 269 20.12 1.53 9.34
N ILE A 270 20.10 0.55 8.45
CA ILE A 270 18.98 -0.35 8.30
C ILE A 270 19.36 -1.75 8.74
N THR A 271 18.60 -2.32 9.68
CA THR A 271 18.89 -3.67 10.17
C THR A 271 17.81 -4.60 9.72
N ILE A 272 18.20 -5.79 9.20
CA ILE A 272 17.27 -6.84 8.80
C ILE A 272 17.26 -7.94 9.88
N ALA A 273 16.10 -8.30 10.40
CA ALA A 273 15.98 -9.41 11.36
C ALA A 273 14.93 -10.37 10.80
N ASN A 274 15.33 -11.57 10.54
CA ASN A 274 14.48 -12.59 9.95
C ASN A 274 14.40 -13.74 10.90
N ASN A 275 13.19 -14.11 11.28
CA ASN A 275 12.96 -15.28 12.12
C ASN A 275 11.79 -16.08 11.50
N ASP A 276 11.36 -17.19 12.12
CA ASP A 276 10.25 -17.99 11.61
C ASP A 276 8.92 -17.29 11.60
N VAL A 277 8.72 -16.32 12.49
CA VAL A 277 7.43 -15.64 12.61
C VAL A 277 7.33 -14.42 11.69
N ASP A 278 8.30 -13.52 11.76
CA ASP A 278 8.21 -12.29 10.96
C ASP A 278 9.55 -11.81 10.40
N LEU A 279 9.46 -10.80 9.55
CA LEU A 279 10.59 -10.07 9.01
C LEU A 279 10.51 -8.69 9.70
N ILE A 280 11.62 -8.24 10.29
CA ILE A 280 11.69 -6.92 10.91
C ILE A 280 12.69 -6.14 10.11
N ILE A 281 12.32 -4.94 9.72
CA ILE A 281 13.25 -4.01 9.09
C ILE A 281 13.27 -2.77 9.95
N ARG A 282 14.41 -2.48 10.59
CA ARG A 282 14.55 -1.29 11.42
C ARG A 282 15.31 -0.22 10.62
N ILE A 283 14.75 0.98 10.48
CA ILE A 283 15.41 2.08 9.78
C ILE A 283 15.73 3.13 10.82
N SER A 284 17.03 3.32 11.14
CA SER A 284 17.47 4.23 12.19
C SER A 284 18.18 5.38 11.59
N ASP A 285 17.76 6.59 11.93
CA ASP A 285 18.39 7.79 11.40
C ASP A 285 18.87 8.65 12.57
N ARG A 286 19.70 9.65 12.25
CA ARG A 286 20.15 10.68 13.18
C ARG A 286 19.62 12.04 12.69
N GLY A 287 18.34 12.07 12.35
CA GLY A 287 17.67 13.24 11.81
C GLY A 287 16.94 14.11 12.80
N GLY A 288 17.30 14.04 14.07
CA GLY A 288 16.75 14.92 15.10
C GLY A 288 15.51 14.44 15.83
N GLY A 289 14.84 13.43 15.31
CA GLY A 289 13.65 12.88 15.94
C GLY A 289 12.35 13.52 15.54
N ILE A 290 11.24 12.97 16.01
CA ILE A 290 9.91 13.51 15.80
C ILE A 290 9.55 14.26 17.09
N ALA A 291 9.39 15.60 17.02
CA ALA A 291 9.10 16.45 18.18
C ALA A 291 7.93 15.93 19.03
N HIS A 292 8.00 16.14 20.34
CA HIS A 292 6.95 15.74 21.27
C HIS A 292 5.60 16.35 20.89
N LYS A 293 5.60 17.62 20.41
CA LYS A 293 4.34 18.28 20.00
C LYS A 293 3.71 17.70 18.72
N ASP A 294 4.50 16.99 17.89
CA ASP A 294 4.01 16.38 16.65
C ASP A 294 3.72 14.89 16.76
N LEU A 295 4.26 14.22 17.75
CA LEU A 295 4.17 12.79 17.95
C LEU A 295 2.80 12.15 17.78
N ASP A 296 1.76 12.78 18.37
CA ASP A 296 0.38 12.28 18.26
C ASP A 296 -0.32 12.68 16.95
N ARG A 297 0.37 13.37 16.04
CA ARG A 297 -0.18 13.79 14.76
C ARG A 297 0.50 13.14 13.55
N VAL A 298 1.73 12.60 13.69
CA VAL A 298 2.43 12.01 12.54
C VAL A 298 1.69 10.85 11.90
N MET A 299 0.84 10.15 12.67
CA MET A 299 0.05 9.05 12.10
C MET A 299 -1.29 9.50 11.52
N ASP A 300 -1.54 10.82 11.44
CA ASP A 300 -2.75 11.36 10.83
C ASP A 300 -2.50 11.61 9.38
N TYR A 301 -3.52 11.35 8.53
CA TYR A 301 -3.45 11.68 7.11
C TYR A 301 -3.44 13.19 7.01
N HIS A 302 -2.67 13.72 6.05
CA HIS A 302 -2.49 15.16 5.83
C HIS A 302 -1.51 15.82 6.82
N PHE A 303 -1.07 15.15 7.91
CA PHE A 303 -0.08 15.80 8.79
C PHE A 303 1.32 15.69 8.18
N THR A 304 1.93 16.86 7.93
CA THR A 304 3.26 16.95 7.37
C THR A 304 3.94 18.22 7.83
N THR A 305 5.26 18.16 8.01
CA THR A 305 6.06 19.35 8.32
C THR A 305 6.95 19.73 7.10
N ALA A 306 6.89 18.98 6.00
CA ALA A 306 7.67 19.23 4.80
C ALA A 306 7.06 20.40 4.03
N GLU A 307 7.92 21.23 3.41
CA GLU A 307 7.50 22.42 2.67
C GLU A 307 7.09 22.08 1.23
N SER A 330 -0.03 6.75 -9.47
CA SER A 330 -0.79 5.53 -9.25
C SER A 330 -0.71 5.07 -7.79
N GLY A 331 -1.85 4.79 -7.19
CA GLY A 331 -1.93 4.31 -5.82
C GLY A 331 -1.99 5.41 -4.79
N PRO A 332 -1.64 5.11 -3.53
CA PRO A 332 -1.60 6.19 -2.51
C PRO A 332 -0.47 7.18 -2.79
N MET A 333 -0.66 8.43 -2.40
CA MET A 333 0.35 9.45 -2.59
C MET A 333 1.59 9.20 -1.75
N HIS A 334 2.74 9.61 -2.31
CA HIS A 334 4.04 9.60 -1.67
C HIS A 334 4.36 11.03 -1.24
N GLY A 335 3.43 11.61 -0.50
CA GLY A 335 3.52 12.97 0.01
C GLY A 335 2.21 13.38 0.65
N PHE A 336 2.10 14.65 1.03
CA PHE A 336 0.91 15.23 1.63
C PHE A 336 0.49 14.57 2.93
N GLY A 337 1.47 14.08 3.69
CA GLY A 337 1.21 13.43 4.97
C GLY A 337 0.51 12.09 4.87
N PHE A 338 0.68 11.40 3.72
CA PHE A 338 0.06 10.09 3.57
C PHE A 338 0.98 8.92 3.89
N GLY A 339 2.28 9.17 3.90
CA GLY A 339 3.32 8.17 4.10
C GLY A 339 3.22 7.26 5.28
N LEU A 340 3.27 7.82 6.48
CA LEU A 340 3.22 7.02 7.70
C LEU A 340 1.89 6.30 7.89
N PRO A 341 0.73 6.99 7.82
CA PRO A 341 -0.53 6.27 8.03
C PRO A 341 -0.79 5.18 6.97
N THR A 342 -0.39 5.38 5.71
CA THR A 342 -0.55 4.37 4.65
C THR A 342 0.36 3.17 4.91
N SER A 343 1.62 3.42 5.25
CA SER A 343 2.59 2.36 5.57
C SER A 343 2.10 1.56 6.77
N ARG A 344 1.56 2.22 7.79
CA ARG A 344 1.04 1.50 8.96
C ARG A 344 -0.20 0.64 8.59
N ALA A 345 -1.12 1.20 7.79
CA ALA A 345 -2.35 0.51 7.38
C ALA A 345 -1.97 -0.71 6.56
N TYR A 346 -1.02 -0.57 5.63
CA TYR A 346 -0.48 -1.66 4.84
C TYR A 346 0.15 -2.74 5.74
N ALA A 347 1.09 -2.35 6.62
CA ALA A 347 1.75 -3.29 7.52
C ALA A 347 0.74 -4.06 8.39
N GLU A 348 -0.26 -3.37 8.98
CA GLU A 348 -1.26 -4.02 9.84
C GLU A 348 -2.18 -4.97 9.08
N TYR A 349 -2.49 -4.61 7.85
CA TYR A 349 -3.28 -5.41 6.93
C TYR A 349 -2.53 -6.70 6.52
N LEU A 350 -1.18 -6.72 6.60
CA LEU A 350 -0.41 -7.91 6.24
C LEU A 350 0.19 -8.62 7.45
N GLY A 351 -0.57 -8.64 8.53
CA GLY A 351 -0.20 -9.31 9.77
C GLY A 351 0.94 -8.71 10.57
N GLY A 352 1.45 -7.56 10.14
CA GLY A 352 2.55 -6.91 10.82
C GLY A 352 2.17 -5.62 11.51
N SER A 353 3.15 -4.69 11.57
CA SER A 353 2.99 -3.42 12.24
C SER A 353 4.05 -2.40 11.78
N LEU A 354 3.81 -1.13 12.11
CA LEU A 354 4.77 -0.08 11.86
C LEU A 354 4.84 0.73 13.14
N GLN A 355 6.00 0.69 13.81
CA GLN A 355 6.18 1.37 15.08
C GLN A 355 7.33 2.35 15.07
N LEU A 356 7.16 3.48 15.74
CA LEU A 356 8.19 4.52 15.75
C LEU A 356 8.75 4.73 17.13
N GLN A 357 10.05 4.94 17.23
CA GLN A 357 10.69 5.24 18.50
C GLN A 357 11.46 6.53 18.30
N SER A 358 10.96 7.61 18.87
CA SER A 358 11.59 8.92 18.73
C SER A 358 12.55 9.24 19.87
N LEU A 359 13.78 9.62 19.52
CA LEU A 359 14.78 10.08 20.46
C LEU A 359 14.96 11.57 20.11
N GLN A 360 14.02 12.43 20.59
CA GLN A 360 14.00 13.87 20.28
C GLN A 360 15.36 14.52 20.57
N GLY A 361 15.91 15.20 19.56
CA GLY A 361 17.23 15.79 19.69
C GLY A 361 18.32 14.96 19.05
N ILE A 362 18.04 13.66 18.77
CA ILE A 362 19.00 12.74 18.19
C ILE A 362 18.52 12.11 16.86
N GLY A 363 17.39 11.41 16.87
CA GLY A 363 16.94 10.67 15.70
C GLY A 363 15.72 9.80 15.96
N THR A 364 15.37 8.95 14.99
CA THR A 364 14.19 8.09 15.08
C THR A 364 14.55 6.70 14.60
N ASP A 365 13.95 5.69 15.21
CA ASP A 365 14.05 4.30 14.78
C ASP A 365 12.68 3.91 14.32
N VAL A 366 12.55 3.44 13.08
CA VAL A 366 11.26 3.01 12.54
C VAL A 366 11.30 1.48 12.37
N TYR A 367 10.37 0.76 12.97
CA TYR A 367 10.34 -0.70 12.89
C TYR A 367 9.17 -1.16 12.02
N LEU A 368 9.48 -1.73 10.88
CA LEU A 368 8.51 -2.30 9.98
C LEU A 368 8.52 -3.82 10.21
N ARG A 369 7.41 -4.39 10.68
CA ARG A 369 7.30 -5.83 10.90
C ARG A 369 6.27 -6.40 9.94
N LEU A 370 6.60 -7.51 9.29
CA LEU A 370 5.68 -8.14 8.35
C LEU A 370 5.69 -9.64 8.54
N ARG A 371 4.51 -10.19 8.70
CA ARG A 371 4.34 -11.61 8.93
C ARG A 371 4.81 -12.42 7.71
N HIS A 372 5.52 -13.51 7.98
CA HIS A 372 5.98 -14.44 6.97
C HIS A 372 4.80 -15.21 6.36
N ILE A 373 5.03 -15.81 5.19
CA ILE A 373 4.01 -16.59 4.50
C ILE A 373 3.90 -18.00 5.12
N ASP A 374 5.05 -18.66 5.39
CA ASP A 374 5.10 -20.04 5.91
C ASP A 374 4.06 -20.36 6.99
#